data_2QKP
#
_entry.id   2QKP
#
_cell.length_a   72.999
_cell.length_b   53.911
_cell.length_c   79.924
_cell.angle_alpha   90.000
_cell.angle_beta   106.050
_cell.angle_gamma   90.000
#
_symmetry.space_group_name_H-M   'P 1 21 1'
#
loop_
_entity.id
_entity.type
_entity.pdbx_description
1 polymer 'Uncharacterized protein'
2 non-polymer 1,2-ETHANEDIOL
3 non-polymer GLYCEROL
4 water water
#
_entity_poly.entity_id   1
_entity_poly.type   'polypeptide(L)'
_entity_poly.pdbx_seq_one_letter_code
;MSLDRTTQQPFGNGYLSVEQANLILNHLPLEITFVNKDDIFQYYNDSVPAAEMVFKRTPSQVGRNVELCHPPKVLDKVKK
VFELLRNGQRDKVNMWFQSERLGKFVYVTYAAVRDQAGDFQGVLEYVQDIKPFFELDSEFNRDEGHHHHHH
;
_entity_poly.pdbx_strand_id   A,B,C,D
#
# COMPACT_ATOMS: atom_id res chain seq x y z
N SER A 2 -0.66 30.47 -16.15
CA SER A 2 0.51 29.81 -16.77
C SER A 2 1.76 30.19 -16.02
N LEU A 3 2.85 29.47 -16.31
CA LEU A 3 4.13 29.73 -15.68
C LEU A 3 5.23 29.19 -16.57
N ASP A 4 6.21 30.06 -16.87
CA ASP A 4 7.31 29.61 -17.72
C ASP A 4 8.24 28.66 -16.97
N ARG A 5 9.20 28.11 -17.70
CA ARG A 5 10.01 27.01 -17.19
C ARG A 5 11.08 27.45 -16.24
N THR A 6 11.38 28.75 -16.19
CA THR A 6 12.53 29.20 -15.41
C THR A 6 12.14 29.98 -14.15
N THR A 7 10.84 30.20 -13.96
CA THR A 7 10.33 30.90 -12.76
C THR A 7 10.11 29.94 -11.59
N GLN A 8 10.53 30.38 -10.41
CA GLN A 8 10.39 29.54 -9.18
C GLN A 8 8.96 29.23 -8.85
N GLN A 9 8.72 28.00 -8.38
CA GLN A 9 7.40 27.62 -7.88
C GLN A 9 7.58 26.58 -6.78
N PRO A 10 6.54 26.36 -5.96
CA PRO A 10 6.76 25.41 -4.88
C PRO A 10 7.10 24.00 -5.37
N PHE A 11 8.10 23.40 -4.73
CA PHE A 11 8.41 21.98 -4.93
C PHE A 11 8.82 21.50 -3.55
N GLY A 12 8.33 20.34 -3.11
CA GLY A 12 8.84 19.77 -1.87
C GLY A 12 8.65 20.77 -0.73
N ASN A 13 9.69 20.96 0.06
CA ASN A 13 9.63 21.89 1.17
C ASN A 13 10.21 23.27 0.86
N GLY A 14 10.47 23.55 -0.41
CA GLY A 14 10.78 24.94 -0.83
C GLY A 14 10.31 25.28 -2.24
N TYR A 15 11.29 25.66 -3.09
CA TYR A 15 11.04 26.16 -4.43
C TYR A 15 12.04 25.70 -5.47
N LEU A 16 11.54 25.41 -6.67
CA LEU A 16 12.40 25.14 -7.83
C LEU A 16 11.67 25.66 -9.04
N SER A 17 12.41 25.98 -10.10
CA SER A 17 11.76 26.16 -11.41
C SER A 17 11.72 24.76 -12.04
N VAL A 18 10.91 24.58 -13.08
CA VAL A 18 10.91 23.38 -13.89
C VAL A 18 12.33 23.09 -14.43
N GLU A 19 13.04 24.13 -14.89
CA GLU A 19 14.41 23.94 -15.40
C GLU A 19 15.29 23.32 -14.29
N GLN A 20 15.16 23.84 -13.08
CA GLN A 20 15.98 23.32 -11.96
C GLN A 20 15.56 21.91 -11.52
N ALA A 21 14.27 21.65 -11.50
CA ALA A 21 13.79 20.29 -11.13
C ALA A 21 14.31 19.31 -12.16
N ASN A 22 14.23 19.68 -13.45
CA ASN A 22 14.78 18.85 -14.51
C ASN A 22 16.29 18.63 -14.35
N LEU A 23 17.05 19.70 -14.08
CA LEU A 23 18.50 19.51 -13.84
C LEU A 23 18.76 18.54 -12.67
N ILE A 24 17.98 18.68 -11.61
CA ILE A 24 18.19 17.79 -10.43
C ILE A 24 17.95 16.34 -10.83
N LEU A 25 16.85 16.07 -11.52
CA LEU A 25 16.51 14.70 -11.92
C LEU A 25 17.59 14.10 -12.78
N ASN A 26 18.23 14.95 -13.59
CA ASN A 26 19.34 14.49 -14.47
C ASN A 26 20.71 14.33 -13.77
N HIS A 27 20.86 14.94 -12.60
CA HIS A 27 22.14 14.86 -11.85
C HIS A 27 22.13 13.82 -10.74
N LEU A 28 20.99 13.18 -10.53
CA LEU A 28 20.95 12.11 -9.54
C LEU A 28 21.64 10.87 -10.09
N PRO A 29 22.23 10.03 -9.21
CA PRO A 29 23.01 8.88 -9.67
C PRO A 29 22.12 7.66 -9.97
N LEU A 30 21.03 7.89 -10.70
CA LEU A 30 19.99 6.87 -10.89
C LEU A 30 19.48 6.97 -12.31
N GLU A 31 19.15 5.84 -12.92
CA GLU A 31 18.41 5.81 -14.17
C GLU A 31 16.95 5.72 -13.72
N ILE A 32 16.15 6.72 -14.07
CA ILE A 32 14.77 6.84 -13.56
C ILE A 32 13.82 6.66 -14.73
N THR A 33 12.75 5.92 -14.50
CA THR A 33 11.67 5.89 -15.51
C THR A 33 10.36 6.03 -14.77
N PHE A 34 9.35 6.60 -15.42
CA PHE A 34 8.05 6.74 -14.77
C PHE A 34 6.97 6.29 -15.73
N VAL A 35 6.08 5.45 -15.23
CA VAL A 35 4.90 4.99 -15.97
C VAL A 35 3.66 5.50 -15.23
N ASN A 36 2.72 6.14 -15.92
CA ASN A 36 1.62 6.81 -15.19
C ASN A 36 0.52 5.79 -14.88
N LYS A 37 -0.53 6.27 -14.22
CA LYS A 37 -1.62 5.38 -13.80
C LYS A 37 -2.45 4.78 -14.97
N ASP A 38 -2.24 5.29 -16.19
CA ASP A 38 -2.84 4.72 -17.43
C ASP A 38 -1.88 3.81 -18.18
N ASP A 39 -0.84 3.35 -17.48
CA ASP A 39 0.16 2.44 -18.04
C ASP A 39 1.01 2.97 -19.18
N ILE A 40 1.08 4.29 -19.31
CA ILE A 40 1.87 4.94 -20.32
C ILE A 40 3.28 5.25 -19.80
N PHE A 41 4.28 4.73 -20.48
CA PHE A 41 5.69 5.09 -20.21
C PHE A 41 5.85 6.53 -20.65
N GLN A 42 5.96 7.45 -19.68
CA GLN A 42 5.96 8.89 -19.98
C GLN A 42 7.34 9.48 -20.05
N TYR A 43 8.27 8.92 -19.26
CA TYR A 43 9.45 9.70 -18.90
C TYR A 43 10.63 8.84 -18.49
N TYR A 44 11.83 9.23 -18.91
CA TYR A 44 13.05 8.73 -18.27
C TYR A 44 14.04 9.86 -18.24
N ASN A 45 14.90 9.86 -17.23
CA ASN A 45 15.79 11.01 -17.04
C ASN A 45 16.95 10.96 -18.04
N ASP A 46 17.71 12.04 -18.12
CA ASP A 46 18.92 12.05 -18.96
C ASP A 46 20.15 12.01 -18.05
N SER A 47 20.50 10.84 -17.51
N SER A 47 20.43 10.83 -17.51
CA SER A 47 21.61 10.81 -16.53
CA SER A 47 21.50 10.65 -16.55
C SER A 47 22.89 10.09 -16.96
C SER A 47 22.79 10.31 -17.27
N VAL A 48 22.79 9.15 -17.92
CA VAL A 48 23.98 8.61 -18.61
C VAL A 48 23.73 8.49 -20.11
N PRO A 49 24.80 8.51 -20.93
CA PRO A 49 24.59 8.47 -22.38
C PRO A 49 23.80 7.24 -22.81
N ALA A 50 22.97 7.41 -23.84
CA ALA A 50 22.03 6.38 -24.29
C ALA A 50 22.62 4.99 -24.44
N ALA A 51 23.88 4.93 -24.91
CA ALA A 51 24.56 3.66 -25.13
C ALA A 51 25.06 2.95 -23.87
N GLU A 52 25.08 3.65 -22.73
CA GLU A 52 25.64 3.12 -21.49
C GLU A 52 24.62 2.80 -20.38
N MET A 53 23.34 2.82 -20.73
CA MET A 53 22.25 2.54 -19.80
C MET A 53 22.17 1.06 -19.43
N VAL A 54 21.84 0.79 -18.17
CA VAL A 54 21.63 -0.58 -17.70
C VAL A 54 20.44 -1.17 -18.44
N PHE A 55 19.34 -0.42 -18.45
CA PHE A 55 18.11 -0.82 -19.12
C PHE A 55 17.85 0.21 -20.20
N LYS A 56 18.20 -0.15 -21.42
CA LYS A 56 18.11 0.79 -22.53
C LYS A 56 16.68 1.29 -22.69
N ARG A 57 16.54 2.60 -22.79
CA ARG A 57 15.28 3.21 -23.17
C ARG A 57 15.59 4.09 -24.37
N THR A 58 14.61 4.28 -25.24
CA THR A 58 14.79 5.16 -26.39
C THR A 58 13.60 6.13 -26.51
N PRO A 59 13.82 7.30 -27.13
CA PRO A 59 12.73 8.30 -27.23
C PRO A 59 11.46 7.75 -27.90
N SER A 60 11.64 6.71 -28.71
CA SER A 60 10.57 6.10 -29.50
C SER A 60 9.55 5.42 -28.60
N GLN A 61 10.02 4.98 -27.44
CA GLN A 61 9.19 4.27 -26.48
C GLN A 61 8.29 5.21 -25.67
N VAL A 62 8.67 6.47 -25.56
CA VAL A 62 7.90 7.46 -24.79
C VAL A 62 6.50 7.66 -25.37
N GLY A 63 5.50 7.68 -24.48
CA GLY A 63 4.11 7.86 -24.87
C GLY A 63 3.40 6.55 -25.14
N ARG A 64 4.17 5.46 -25.20
CA ARG A 64 3.65 4.12 -25.45
C ARG A 64 3.21 3.42 -24.16
N ASN A 65 2.16 2.60 -24.27
CA ASN A 65 1.77 1.72 -23.17
C ASN A 65 2.96 0.83 -22.80
N VAL A 66 3.10 0.54 -21.51
CA VAL A 66 4.23 -0.23 -21.00
C VAL A 66 4.35 -1.60 -21.65
N GLU A 67 3.21 -2.13 -22.09
CA GLU A 67 3.15 -3.44 -22.71
C GLU A 67 3.89 -3.52 -24.06
N LEU A 68 4.25 -2.36 -24.60
CA LEU A 68 5.04 -2.28 -25.83
C LEU A 68 6.52 -1.99 -25.56
N CYS A 69 6.87 -1.82 -24.29
CA CYS A 69 8.20 -1.35 -23.91
C CYS A 69 9.13 -2.45 -23.42
N HIS A 70 8.62 -3.69 -23.39
CA HIS A 70 9.39 -4.85 -22.93
C HIS A 70 9.08 -6.06 -23.80
N PRO A 71 10.07 -6.95 -24.01
CA PRO A 71 9.79 -8.23 -24.66
C PRO A 71 8.82 -9.05 -23.81
N PRO A 72 8.06 -9.99 -24.43
CA PRO A 72 7.05 -10.80 -23.74
C PRO A 72 7.48 -11.37 -22.37
N LYS A 73 8.69 -11.93 -22.28
CA LYS A 73 9.12 -12.64 -21.06
C LYS A 73 9.43 -11.68 -19.89
N VAL A 74 10.06 -10.56 -20.21
CA VAL A 74 10.24 -9.47 -19.25
C VAL A 74 8.87 -8.89 -18.84
N LEU A 75 7.99 -8.68 -19.82
CA LEU A 75 6.69 -8.04 -19.57
C LEU A 75 5.79 -8.75 -18.54
N ASP A 76 5.74 -10.08 -18.57
CA ASP A 76 4.90 -10.83 -17.61
C ASP A 76 5.30 -10.55 -16.15
N LYS A 77 6.60 -10.48 -15.91
CA LYS A 77 7.13 -10.15 -14.59
C LYS A 77 6.84 -8.68 -14.23
N VAL A 78 7.05 -7.78 -15.19
CA VAL A 78 6.74 -6.36 -14.98
C VAL A 78 5.27 -6.19 -14.59
N LYS A 79 4.35 -6.90 -15.26
CA LYS A 79 2.94 -6.78 -14.94
C LYS A 79 2.62 -7.18 -13.50
N LYS A 80 3.23 -8.26 -13.02
CA LYS A 80 2.97 -8.74 -11.66
C LYS A 80 3.48 -7.72 -10.64
N VAL A 81 4.64 -7.14 -10.93
CA VAL A 81 5.19 -6.06 -10.09
C VAL A 81 4.19 -4.89 -10.04
N PHE A 82 3.70 -4.46 -11.20
CA PHE A 82 2.78 -3.30 -11.25
C PHE A 82 1.51 -3.59 -10.45
N GLU A 83 1.03 -4.83 -10.52
CA GLU A 83 -0.16 -5.20 -9.79
C GLU A 83 0.02 -5.10 -8.27
N LEU A 84 1.14 -5.61 -7.77
CA LEU A 84 1.47 -5.59 -6.34
C LEU A 84 1.50 -4.16 -5.85
N LEU A 85 2.18 -3.29 -6.61
CA LEU A 85 2.30 -1.88 -6.22
C LEU A 85 0.97 -1.15 -6.24
N ARG A 86 0.23 -1.31 -7.32
CA ARG A 86 -1.04 -0.61 -7.46
C ARG A 86 -2.03 -1.05 -6.37
N ASN A 87 -2.06 -2.35 -6.07
CA ASN A 87 -2.96 -2.81 -5.00
C ASN A 87 -2.53 -2.50 -3.57
N GLY A 88 -1.34 -1.93 -3.41
CA GLY A 88 -0.88 -1.49 -2.12
C GLY A 88 -0.42 -2.67 -1.26
N GLN A 89 -0.08 -3.77 -1.89
CA GLN A 89 0.52 -4.91 -1.21
C GLN A 89 1.95 -4.63 -0.76
N ARG A 90 2.69 -3.91 -1.60
CA ARG A 90 4.01 -3.42 -1.20
C ARG A 90 4.16 -2.01 -1.76
N ASP A 91 5.05 -1.23 -1.15
CA ASP A 91 5.34 0.12 -1.65
C ASP A 91 6.52 0.08 -2.62
N LYS A 92 7.35 -0.96 -2.48
N LYS A 92 7.36 -0.94 -2.50
CA LYS A 92 8.54 -1.18 -3.30
CA LYS A 92 8.45 -1.14 -3.45
C LYS A 92 8.77 -2.66 -3.61
C LYS A 92 8.88 -2.60 -3.57
N VAL A 93 9.36 -2.92 -4.76
CA VAL A 93 9.88 -4.24 -5.12
C VAL A 93 11.30 -3.99 -5.58
N ASN A 94 12.25 -4.77 -5.04
CA ASN A 94 13.67 -4.60 -5.39
C ASN A 94 14.24 -5.88 -6.03
N MET A 95 15.15 -5.67 -6.97
CA MET A 95 15.98 -6.75 -7.49
C MET A 95 17.43 -6.29 -7.67
N TRP A 96 18.36 -7.24 -7.67
CA TRP A 96 19.76 -6.86 -7.84
C TRP A 96 20.50 -8.00 -8.55
N PHE A 97 21.55 -7.63 -9.27
CA PHE A 97 22.30 -8.58 -10.08
C PHE A 97 23.62 -7.97 -10.49
N GLN A 98 24.59 -8.84 -10.79
CA GLN A 98 25.90 -8.43 -11.28
C GLN A 98 25.81 -8.15 -12.77
N SER A 99 26.40 -7.05 -13.22
CA SER A 99 26.53 -6.77 -14.65
C SER A 99 28.02 -6.67 -14.96
N GLU A 100 28.62 -7.74 -15.44
CA GLU A 100 30.03 -7.71 -15.84
C GLU A 100 30.25 -6.81 -17.07
N ARG A 101 29.27 -6.82 -17.98
CA ARG A 101 29.16 -5.89 -19.14
C ARG A 101 29.47 -4.42 -18.78
N LEU A 102 28.85 -3.94 -17.70
CA LEU A 102 28.91 -2.54 -17.35
C LEU A 102 29.89 -2.25 -16.22
N GLY A 103 30.45 -3.30 -15.64
CA GLY A 103 31.29 -3.19 -14.44
C GLY A 103 30.49 -2.65 -13.26
N LYS A 104 29.23 -3.05 -13.18
CA LYS A 104 28.29 -2.51 -12.19
C LYS A 104 27.65 -3.66 -11.44
N PHE A 105 27.31 -3.41 -10.19
CA PHE A 105 26.40 -4.26 -9.49
C PHE A 105 25.11 -3.46 -9.36
N VAL A 106 24.06 -3.97 -9.99
CA VAL A 106 22.87 -3.15 -10.22
C VAL A 106 21.82 -3.43 -9.16
N TYR A 107 21.25 -2.36 -8.60
CA TYR A 107 20.14 -2.50 -7.65
C TYR A 107 18.94 -1.75 -8.22
N VAL A 108 17.82 -2.46 -8.37
CA VAL A 108 16.66 -1.96 -9.09
C VAL A 108 15.53 -1.81 -8.11
N THR A 109 14.84 -0.67 -8.16
CA THR A 109 13.64 -0.54 -7.35
C THR A 109 12.46 -0.11 -8.21
N TYR A 110 11.33 -0.78 -8.03
CA TYR A 110 10.04 -0.33 -8.55
C TYR A 110 9.23 0.14 -7.38
N ALA A 111 8.77 1.38 -7.43
CA ALA A 111 8.06 1.98 -6.32
C ALA A 111 6.70 2.50 -6.71
N ALA A 112 5.71 2.34 -5.82
CA ALA A 112 4.39 2.93 -6.05
C ALA A 112 4.51 4.42 -5.78
N VAL A 113 4.02 5.22 -6.73
CA VAL A 113 3.97 6.68 -6.49
C VAL A 113 2.55 6.99 -6.01
N ARG A 114 2.43 7.50 -4.79
CA ARG A 114 1.12 7.82 -4.19
C ARG A 114 1.12 9.25 -3.70
N ASP A 115 -0.04 9.91 -3.79
CA ASP A 115 -0.16 11.26 -3.21
C ASP A 115 -0.42 11.21 -1.68
N GLN A 116 -0.58 12.35 -1.01
N GLN A 116 -0.57 12.37 -1.04
CA GLN A 116 -0.75 12.31 0.46
CA GLN A 116 -0.80 12.42 0.40
C GLN A 116 -2.06 11.67 0.90
C GLN A 116 -1.98 11.54 0.81
N ALA A 117 -3.02 11.55 -0.02
CA ALA A 117 -4.29 10.84 0.26
C ALA A 117 -4.11 9.32 0.21
N GLY A 118 -3.05 8.86 -0.44
CA GLY A 118 -2.80 7.42 -0.61
C GLY A 118 -3.25 6.90 -1.95
N ASP A 119 -3.64 7.81 -2.85
CA ASP A 119 -4.09 7.42 -4.17
C ASP A 119 -2.96 7.14 -5.17
N PHE A 120 -3.19 6.21 -6.08
CA PHE A 120 -2.14 5.69 -6.97
C PHE A 120 -1.89 6.62 -8.15
N GLN A 121 -0.63 7.03 -8.34
CA GLN A 121 -0.27 7.95 -9.42
C GLN A 121 0.67 7.35 -10.48
N GLY A 122 1.14 6.13 -10.25
CA GLY A 122 1.96 5.45 -11.25
C GLY A 122 3.08 4.67 -10.60
N VAL A 123 4.00 4.19 -11.44
CA VAL A 123 5.13 3.43 -10.91
C VAL A 123 6.44 4.11 -11.27
N LEU A 124 7.29 4.30 -10.26
CA LEU A 124 8.60 4.92 -10.41
C LEU A 124 9.65 3.80 -10.38
N GLU A 125 10.47 3.68 -11.43
CA GLU A 125 11.58 2.73 -11.43
C GLU A 125 12.89 3.50 -11.36
N TYR A 126 13.77 3.10 -10.44
CA TYR A 126 15.09 3.71 -10.38
C TYR A 126 16.17 2.65 -10.19
N VAL A 127 17.24 2.83 -10.95
CA VAL A 127 18.31 1.85 -11.03
C VAL A 127 19.60 2.53 -10.55
N GLN A 128 20.33 1.84 -9.68
CA GLN A 128 21.57 2.39 -9.14
C GLN A 128 22.71 1.39 -9.23
N ASP A 129 23.92 1.90 -9.47
CA ASP A 129 25.09 1.04 -9.34
C ASP A 129 25.54 1.11 -7.87
N ILE A 130 25.56 -0.04 -7.22
CA ILE A 130 25.94 -0.08 -5.81
C ILE A 130 27.34 -0.68 -5.58
N LYS A 131 27.98 -1.11 -6.66
CA LYS A 131 29.34 -1.67 -6.56
C LYS A 131 30.32 -0.76 -5.80
N PRO A 132 30.31 0.57 -6.06
CA PRO A 132 31.19 1.49 -5.33
C PRO A 132 31.07 1.43 -3.82
N PHE A 133 29.89 1.08 -3.30
CA PHE A 133 29.65 1.07 -1.85
C PHE A 133 30.30 -0.12 -1.16
N PHE A 134 30.58 -1.18 -1.92
CA PHE A 134 31.18 -2.41 -1.36
C PHE A 134 32.61 -2.17 -0.82
N GLU A 135 33.23 -1.07 -1.24
CA GLU A 135 34.58 -0.68 -0.80
C GLU A 135 34.55 -0.11 0.63
N LEU A 136 33.42 0.48 0.98
CA LEU A 136 33.25 1.21 2.24
C LEU A 136 32.97 0.26 3.38
N ASP A 137 32.91 -1.03 3.07
CA ASP A 137 32.80 -2.07 4.08
C ASP A 137 33.82 -1.88 5.22
N SER A 138 35.07 -1.55 4.83
CA SER A 138 36.17 -1.41 5.78
C SER A 138 36.01 -0.28 6.80
N GLU A 139 35.32 0.79 6.43
CA GLU A 139 35.23 1.99 7.28
C GLU A 139 34.02 1.99 8.21
N LEU B 3 -4.74 23.72 -15.91
CA LEU B 3 -3.91 23.95 -14.69
C LEU B 3 -2.42 23.70 -14.95
N ASP B 4 -1.64 24.66 -14.48
CA ASP B 4 -0.23 24.75 -14.74
C ASP B 4 0.54 23.60 -14.08
N ARG B 5 0.05 23.08 -12.94
CA ARG B 5 0.77 22.00 -12.23
C ARG B 5 0.45 20.63 -12.79
N THR B 6 -0.62 20.51 -13.58
CA THR B 6 -1.00 19.19 -14.14
C THR B 6 -0.67 19.05 -15.62
N THR B 7 -0.32 20.17 -16.25
CA THR B 7 0.04 20.19 -17.68
C THR B 7 1.37 19.47 -17.93
N GLN B 8 1.39 18.60 -18.94
CA GLN B 8 2.63 17.88 -19.28
C GLN B 8 3.65 18.81 -19.91
N GLN B 9 4.89 18.75 -19.43
CA GLN B 9 6.00 19.58 -19.91
C GLN B 9 7.20 18.69 -20.20
N PRO B 10 8.07 19.08 -21.14
CA PRO B 10 9.29 18.29 -21.35
C PRO B 10 10.15 18.21 -20.09
N PHE B 11 10.52 16.99 -19.76
CA PHE B 11 11.46 16.70 -18.66
C PHE B 11 12.31 15.56 -19.18
N GLY B 12 13.63 15.65 -19.06
CA GLY B 12 14.51 14.54 -19.48
C GLY B 12 14.23 14.07 -20.90
N ASN B 13 14.02 12.76 -21.07
CA ASN B 13 13.72 12.21 -22.37
C ASN B 13 12.26 11.98 -22.70
N GLY B 14 11.36 12.52 -21.90
CA GLY B 14 9.90 12.46 -22.17
C GLY B 14 9.19 13.67 -21.57
N TYR B 15 8.13 13.41 -20.79
CA TYR B 15 7.27 14.45 -20.22
C TYR B 15 6.85 14.14 -18.81
N LEU B 16 6.67 15.20 -18.02
CA LEU B 16 6.09 15.10 -16.70
C LEU B 16 5.37 16.39 -16.45
N SER B 17 4.35 16.33 -15.61
CA SER B 17 3.78 17.56 -15.05
C SER B 17 4.58 17.94 -13.83
N VAL B 18 4.43 19.18 -13.39
CA VAL B 18 5.05 19.61 -12.13
C VAL B 18 4.60 18.69 -10.98
N GLU B 19 3.32 18.34 -11.00
CA GLU B 19 2.76 17.47 -9.96
C GLU B 19 3.51 16.13 -9.90
N GLN B 20 3.74 15.52 -11.07
CA GLN B 20 4.45 14.22 -11.13
C GLN B 20 5.93 14.37 -10.80
N ALA B 21 6.57 15.40 -11.32
CA ALA B 21 8.01 15.62 -11.03
C ALA B 21 8.19 15.76 -9.51
N ASN B 22 7.30 16.49 -8.85
CA ASN B 22 7.38 16.67 -7.42
C ASN B 22 7.20 15.33 -6.67
N LEU B 23 6.17 14.58 -7.06
CA LEU B 23 5.98 13.24 -6.48
C LEU B 23 7.22 12.38 -6.63
N ILE B 24 7.84 12.42 -7.81
CA ILE B 24 9.03 11.62 -8.05
C ILE B 24 10.13 11.99 -7.06
N LEU B 25 10.41 13.29 -6.96
CA LEU B 25 11.46 13.76 -6.02
C LEU B 25 11.17 13.32 -4.57
N ASN B 26 9.89 13.32 -4.21
CA ASN B 26 9.42 12.91 -2.88
C ASN B 26 9.31 11.38 -2.68
N HIS B 27 9.56 10.61 -3.73
CA HIS B 27 9.56 9.15 -3.56
C HIS B 27 10.92 8.52 -3.76
N LEU B 28 11.96 9.31 -3.90
CA LEU B 28 13.30 8.75 -4.02
C LEU B 28 13.86 8.58 -2.60
N PRO B 29 14.69 7.55 -2.37
CA PRO B 29 15.15 7.22 -1.02
C PRO B 29 16.33 8.09 -0.59
N LEU B 30 16.16 9.41 -0.70
CA LEU B 30 17.29 10.33 -0.51
C LEU B 30 16.77 11.57 0.17
N GLU B 31 17.63 12.14 1.01
CA GLU B 31 17.40 13.51 1.49
C GLU B 31 18.06 14.39 0.46
N ILE B 32 17.24 15.13 -0.27
CA ILE B 32 17.73 15.96 -1.38
C ILE B 32 17.64 17.43 -0.97
N THR B 33 18.73 18.16 -1.16
CA THR B 33 18.73 19.61 -0.96
C THR B 33 19.37 20.29 -2.15
N PHE B 34 18.88 21.47 -2.46
CA PHE B 34 19.46 22.22 -3.55
C PHE B 34 19.74 23.64 -3.10
N VAL B 35 20.98 24.07 -3.36
CA VAL B 35 21.47 25.43 -3.13
C VAL B 35 21.79 26.03 -4.49
N ASN B 36 21.26 27.21 -4.76
CA ASN B 36 21.38 27.78 -6.10
C ASN B 36 22.73 28.49 -6.27
N LYS B 37 23.00 28.98 -7.47
CA LYS B 37 24.30 29.59 -7.79
C LYS B 37 24.63 30.86 -6.97
N ASP B 38 23.63 31.42 -6.28
CA ASP B 38 23.82 32.55 -5.36
C ASP B 38 23.97 32.10 -3.90
N ASP B 39 24.22 30.80 -3.71
CA ASP B 39 24.43 30.20 -2.40
C ASP B 39 23.19 30.23 -1.50
N ILE B 40 22.03 30.37 -2.13
CA ILE B 40 20.77 30.42 -1.41
C ILE B 40 20.20 29.00 -1.31
N PHE B 41 19.85 28.58 -0.09
CA PHE B 41 19.23 27.26 0.11
C PHE B 41 17.78 27.37 -0.34
N GLN B 42 17.44 26.65 -1.42
CA GLN B 42 16.16 26.86 -2.11
C GLN B 42 15.10 25.79 -1.80
N TYR B 43 15.57 24.58 -1.55
CA TYR B 43 14.68 23.42 -1.70
C TYR B 43 15.24 22.23 -0.94
N TYR B 44 14.33 21.52 -0.28
CA TYR B 44 14.61 20.11 0.06
C TYR B 44 13.37 19.25 -0.19
N ASN B 45 13.56 17.97 -0.51
CA ASN B 45 12.40 17.12 -0.81
C ASN B 45 11.66 16.69 0.45
N ASP B 46 10.60 15.92 0.27
CA ASP B 46 9.75 15.47 1.35
C ASP B 46 9.59 13.95 1.19
N SER B 47 10.65 13.21 1.47
CA SER B 47 10.63 11.77 1.28
C SER B 47 10.83 11.07 2.60
N VAL B 48 11.89 11.45 3.31
CA VAL B 48 12.24 10.81 4.58
C VAL B 48 11.44 11.45 5.71
N PRO B 49 10.80 10.63 6.56
CA PRO B 49 10.11 11.28 7.70
C PRO B 49 11.09 12.13 8.52
N ALA B 50 10.62 13.27 9.02
CA ALA B 50 11.43 14.18 9.85
C ALA B 50 12.19 13.46 10.96
N ALA B 51 11.54 12.50 11.61
CA ALA B 51 12.13 11.79 12.74
C ALA B 51 13.32 10.92 12.34
N GLU B 52 13.42 10.63 11.04
CA GLU B 52 14.48 9.77 10.53
C GLU B 52 15.54 10.52 9.68
N MET B 53 15.38 11.84 9.56
N MET B 53 15.41 11.84 9.60
CA MET B 53 16.33 12.70 8.82
CA MET B 53 16.34 12.67 8.83
C MET B 53 17.72 12.75 9.47
C MET B 53 17.72 12.77 9.48
N VAL B 54 18.76 12.52 8.69
CA VAL B 54 20.13 12.61 9.18
C VAL B 54 20.48 14.08 9.44
N PHE B 55 20.07 14.93 8.53
CA PHE B 55 20.35 16.35 8.61
C PHE B 55 19.06 17.11 8.66
N LYS B 56 18.84 17.74 9.81
CA LYS B 56 17.70 18.63 10.03
C LYS B 56 17.65 19.73 8.98
N ARG B 57 16.51 19.81 8.32
CA ARG B 57 16.19 20.93 7.46
C ARG B 57 14.82 21.45 7.89
N THR B 58 14.68 22.77 7.90
CA THR B 58 13.44 23.39 8.35
C THR B 58 13.01 24.43 7.33
N PRO B 59 11.70 24.71 7.24
CA PRO B 59 11.16 25.77 6.37
C PRO B 59 11.90 27.09 6.51
N SER B 60 12.24 27.44 7.75
CA SER B 60 12.96 28.68 8.08
C SER B 60 14.29 28.85 7.34
N GLN B 61 14.96 27.74 7.05
CA GLN B 61 16.23 27.82 6.35
C GLN B 61 16.06 28.16 4.87
N VAL B 62 14.87 27.86 4.33
CA VAL B 62 14.64 28.05 2.91
C VAL B 62 14.66 29.56 2.61
N GLY B 63 15.48 29.94 1.64
CA GLY B 63 15.63 31.34 1.23
C GLY B 63 16.87 32.01 1.83
N ARG B 64 17.46 31.37 2.83
CA ARG B 64 18.64 31.91 3.51
C ARG B 64 19.94 31.41 2.87
N ASN B 65 21.05 32.09 3.12
CA ASN B 65 22.35 31.63 2.64
C ASN B 65 22.67 30.28 3.28
N VAL B 66 23.34 29.42 2.52
CA VAL B 66 23.63 28.03 2.89
C VAL B 66 24.37 27.86 4.23
N GLU B 67 25.26 28.79 4.56
CA GLU B 67 26.01 28.74 5.83
C GLU B 67 25.14 28.59 7.10
N LEU B 68 23.82 28.71 6.92
CA LEU B 68 22.87 28.57 8.02
C LEU B 68 22.31 27.14 8.11
N CYS B 69 22.80 26.27 7.24
CA CYS B 69 22.42 24.85 7.22
C CYS B 69 23.43 24.00 7.95
N HIS B 70 24.54 24.63 8.34
CA HIS B 70 25.69 23.92 8.89
C HIS B 70 26.24 24.63 10.13
N PRO B 71 26.68 23.83 11.14
CA PRO B 71 27.31 24.42 12.33
C PRO B 71 28.44 25.37 11.97
N PRO B 72 28.51 26.53 12.65
CA PRO B 72 29.54 27.55 12.38
C PRO B 72 30.98 27.01 12.35
N LYS B 73 31.32 26.09 13.26
CA LYS B 73 32.66 25.49 13.33
C LYS B 73 33.06 24.73 12.05
N VAL B 74 32.08 24.52 11.17
CA VAL B 74 32.28 23.66 10.02
C VAL B 74 32.21 24.46 8.70
N LEU B 75 31.87 25.75 8.83
CA LEU B 75 31.72 26.67 7.71
C LEU B 75 32.88 26.80 6.73
N ASP B 76 34.11 26.61 7.22
CA ASP B 76 35.29 26.69 6.36
C ASP B 76 35.29 25.51 5.40
N LYS B 77 34.84 24.36 5.88
CA LYS B 77 34.80 23.14 5.08
C LYS B 77 33.70 23.21 4.02
N VAL B 78 32.56 23.82 4.38
CA VAL B 78 31.43 24.05 3.48
C VAL B 78 31.82 24.94 2.30
N LYS B 79 32.51 26.04 2.60
CA LYS B 79 32.99 26.97 1.57
C LYS B 79 33.98 26.31 0.62
N LYS B 80 34.90 25.51 1.16
CA LYS B 80 35.86 24.78 0.33
C LYS B 80 35.15 23.83 -0.66
N VAL B 81 34.10 23.17 -0.19
CA VAL B 81 33.33 22.25 -1.05
C VAL B 81 32.64 23.03 -2.17
N PHE B 82 31.83 24.01 -1.80
CA PHE B 82 31.12 24.85 -2.76
C PHE B 82 32.09 25.48 -3.77
N GLU B 83 33.25 25.92 -3.30
CA GLU B 83 34.25 26.55 -4.18
C GLU B 83 34.81 25.57 -5.23
N LEU B 84 35.13 24.35 -4.81
CA LEU B 84 35.69 23.32 -5.68
C LEU B 84 34.70 22.86 -6.74
N LEU B 85 33.44 22.76 -6.34
CA LEU B 85 32.36 22.43 -7.28
C LEU B 85 32.16 23.56 -8.25
N ARG B 86 32.11 24.78 -7.72
CA ARG B 86 31.89 25.98 -8.54
C ARG B 86 33.00 26.18 -9.59
N ASN B 87 34.25 26.00 -9.16
CA ASN B 87 35.45 26.23 -10.00
C ASN B 87 35.70 25.13 -11.02
N GLY B 88 35.02 24.00 -10.85
CA GLY B 88 35.16 22.91 -11.78
C GLY B 88 36.27 21.96 -11.42
N GLN B 89 36.89 22.14 -10.26
CA GLN B 89 37.95 21.24 -9.78
C GLN B 89 37.41 19.85 -9.44
N ARG B 90 36.16 19.83 -8.98
CA ARG B 90 35.49 18.59 -8.61
C ARG B 90 34.08 18.59 -9.21
N ASP B 91 33.61 17.42 -9.61
CA ASP B 91 32.21 17.21 -10.01
C ASP B 91 31.34 16.77 -8.83
N LYS B 92 31.91 15.93 -7.98
CA LYS B 92 31.24 15.49 -6.74
C LYS B 92 32.26 15.47 -5.63
N VAL B 93 31.79 15.70 -4.41
CA VAL B 93 32.53 15.47 -3.18
C VAL B 93 31.67 14.54 -2.35
N ASN B 94 32.26 13.45 -1.84
CA ASN B 94 31.52 12.47 -1.05
C ASN B 94 32.05 12.31 0.36
N MET B 95 31.16 11.95 1.27
CA MET B 95 31.47 11.65 2.67
C MET B 95 30.60 10.48 3.11
N TRP B 96 31.07 9.71 4.09
CA TRP B 96 30.28 8.62 4.65
C TRP B 96 30.60 8.44 6.13
N PHE B 97 29.62 7.98 6.90
CA PHE B 97 29.78 7.74 8.34
C PHE B 97 28.58 6.97 8.82
N GLN B 98 28.73 6.32 9.98
CA GLN B 98 27.62 5.63 10.60
C GLN B 98 26.88 6.61 11.49
N SER B 99 25.56 6.63 11.36
CA SER B 99 24.70 7.32 12.30
C SER B 99 24.18 6.34 13.33
N GLU B 100 24.82 6.31 14.50
N GLU B 100 24.80 6.34 14.51
CA GLU B 100 24.37 5.49 15.62
CA GLU B 100 24.37 5.49 15.62
C GLU B 100 22.92 5.74 16.00
C GLU B 100 22.92 5.74 16.00
N ARG B 101 22.51 7.01 16.07
CA ARG B 101 21.14 7.34 16.47
CA ARG B 101 21.16 7.36 16.45
C ARG B 101 20.08 6.80 15.52
N LEU B 102 20.36 6.87 14.22
CA LEU B 102 19.38 6.46 13.23
C LEU B 102 19.54 5.01 12.78
N GLY B 103 20.71 4.43 13.05
CA GLY B 103 21.03 3.07 12.58
C GLY B 103 21.13 3.07 11.07
N LYS B 104 21.75 4.13 10.54
CA LYS B 104 21.97 4.28 9.10
C LYS B 104 23.44 4.32 8.81
N PHE B 105 23.83 3.80 7.66
CA PHE B 105 25.14 4.08 7.17
C PHE B 105 24.99 5.17 6.13
N VAL B 106 25.48 6.36 6.50
CA VAL B 106 25.22 7.58 5.74
C VAL B 106 26.23 7.82 4.62
N TYR B 107 25.72 7.99 3.40
CA TYR B 107 26.55 8.37 2.31
C TYR B 107 26.04 9.70 1.75
N VAL B 108 26.92 10.70 1.83
CA VAL B 108 26.62 12.09 1.42
C VAL B 108 27.32 12.43 0.12
N THR B 109 26.56 13.07 -0.78
CA THR B 109 27.16 13.59 -2.02
C THR B 109 26.80 15.05 -2.20
N TYR B 110 27.80 15.90 -2.43
CA TYR B 110 27.57 17.25 -2.93
C TYR B 110 28.00 17.20 -4.37
N ALA B 111 27.07 17.56 -5.26
CA ALA B 111 27.36 17.50 -6.68
C ALA B 111 27.13 18.85 -7.32
N ALA B 112 28.04 19.25 -8.21
CA ALA B 112 27.85 20.45 -8.98
C ALA B 112 26.76 20.16 -10.01
N VAL B 113 25.82 21.07 -10.11
CA VAL B 113 24.77 21.00 -11.12
C VAL B 113 25.28 21.87 -12.27
N ARG B 114 25.52 21.28 -13.42
CA ARG B 114 25.99 22.01 -14.58
C ARG B 114 25.03 21.84 -15.74
N ASP B 115 24.84 22.91 -16.51
CA ASP B 115 24.00 22.79 -17.71
C ASP B 115 24.78 22.09 -18.83
N GLN B 116 24.16 21.97 -20.01
CA GLN B 116 24.80 21.24 -21.10
C GLN B 116 26.06 21.94 -21.62
N ALA B 117 26.13 23.25 -21.45
CA ALA B 117 27.32 24.02 -21.84
C ALA B 117 28.44 23.85 -20.81
N GLY B 118 28.12 23.17 -19.71
CA GLY B 118 29.08 22.89 -18.65
C GLY B 118 29.22 23.98 -17.61
N ASP B 119 28.30 24.95 -17.63
CA ASP B 119 28.33 26.08 -16.68
C ASP B 119 27.61 25.79 -15.38
N PHE B 120 28.13 26.37 -14.29
CA PHE B 120 27.64 26.12 -12.93
C PHE B 120 26.24 26.68 -12.66
N GLN B 121 25.33 25.81 -12.19
CA GLN B 121 23.98 26.24 -11.88
C GLN B 121 23.60 26.03 -10.40
N GLY B 122 24.53 25.54 -9.58
CA GLY B 122 24.23 25.37 -8.14
C GLY B 122 24.75 24.05 -7.62
N VAL B 123 24.41 23.74 -6.35
CA VAL B 123 24.91 22.53 -5.73
C VAL B 123 23.72 21.66 -5.29
N LEU B 124 23.75 20.42 -5.71
CA LEU B 124 22.77 19.41 -5.29
C LEU B 124 23.42 18.53 -4.24
N GLU B 125 22.80 18.45 -3.07
CA GLU B 125 23.28 17.52 -2.07
C GLU B 125 22.23 16.41 -1.94
N TYR B 126 22.70 15.18 -1.90
CA TYR B 126 21.79 14.06 -1.66
C TYR B 126 22.43 13.08 -0.69
N VAL B 127 21.63 12.59 0.25
CA VAL B 127 22.10 11.76 1.35
C VAL B 127 21.33 10.44 1.28
N GLN B 128 22.04 9.33 1.34
CA GLN B 128 21.46 8.02 1.17
C GLN B 128 21.88 7.12 2.32
N ASP B 129 20.99 6.21 2.71
CA ASP B 129 21.35 5.17 3.69
C ASP B 129 21.80 3.98 2.87
N ILE B 130 23.07 3.61 2.99
CA ILE B 130 23.62 2.52 2.18
C ILE B 130 23.74 1.20 2.95
N LYS B 131 23.34 1.22 4.22
CA LYS B 131 23.39 0.03 5.07
C LYS B 131 22.66 -1.16 4.44
N PRO B 132 21.43 -0.97 3.89
CA PRO B 132 20.76 -2.10 3.23
C PRO B 132 21.57 -2.81 2.14
N PHE B 133 22.49 -2.09 1.49
CA PHE B 133 23.26 -2.65 0.40
C PHE B 133 24.31 -3.61 0.92
N PHE B 134 24.52 -3.57 2.24
CA PHE B 134 25.44 -4.53 2.87
C PHE B 134 24.67 -5.70 3.50
N GLU B 135 23.36 -5.73 3.30
CA GLU B 135 22.48 -6.75 3.90
C GLU B 135 21.64 -7.48 2.85
N LEU B 136 22.10 -7.49 1.61
CA LEU B 136 21.33 -8.13 0.53
C LEU B 136 21.29 -9.64 0.68
N ASP B 137 22.40 -10.21 1.15
CA ASP B 137 22.45 -11.65 1.35
C ASP B 137 21.91 -11.97 2.74
N SER B 138 20.66 -12.41 2.79
CA SER B 138 20.02 -12.72 4.05
C SER B 138 19.26 -14.03 4.01
N GLU B 139 19.51 -14.87 5.01
CA GLU B 139 18.80 -16.12 5.17
C GLU B 139 17.35 -15.90 5.63
N PHE B 140 17.06 -14.66 6.03
CA PHE B 140 15.72 -14.26 6.44
C PHE B 140 15.12 -13.32 5.41
N LEU C 3 -36.97 3.33 0.76
CA LEU C 3 -37.88 2.21 0.40
C LEU C 3 -37.21 1.12 -0.43
N ASP C 4 -35.87 1.15 -0.46
CA ASP C 4 -35.14 0.20 -1.30
C ASP C 4 -34.19 -0.74 -0.52
N ARG C 5 -34.25 -0.72 0.82
CA ARG C 5 -33.41 -1.64 1.62
C ARG C 5 -33.63 -3.12 1.32
N THR C 6 -34.81 -3.49 0.81
CA THR C 6 -35.06 -4.89 0.43
C THR C 6 -34.92 -5.14 -1.08
N THR C 7 -34.60 -4.11 -1.85
CA THR C 7 -34.44 -4.26 -3.30
C THR C 7 -33.15 -4.99 -3.63
N GLN C 8 -33.24 -6.06 -4.43
CA GLN C 8 -32.03 -6.79 -4.85
C GLN C 8 -31.16 -5.93 -5.77
N GLN C 9 -29.86 -5.89 -5.48
CA GLN C 9 -28.94 -5.11 -6.27
C GLN C 9 -27.58 -5.75 -6.37
N PRO C 10 -26.76 -5.31 -7.35
CA PRO C 10 -25.45 -5.91 -7.54
C PRO C 10 -24.57 -5.80 -6.31
N PHE C 11 -24.01 -6.95 -5.90
CA PHE C 11 -22.98 -7.03 -4.86
C PHE C 11 -22.07 -8.20 -5.24
N GLY C 12 -20.76 -7.98 -5.18
CA GLY C 12 -19.80 -9.09 -5.39
C GLY C 12 -20.03 -9.71 -6.75
N ASN C 13 -20.11 -11.03 -6.77
CA ASN C 13 -20.35 -11.77 -8.01
C ASN C 13 -21.82 -12.17 -8.21
N GLY C 14 -22.70 -11.55 -7.44
CA GLY C 14 -24.16 -11.80 -7.54
C GLY C 14 -25.00 -10.62 -7.14
N TYR C 15 -25.95 -10.87 -6.24
CA TYR C 15 -26.81 -9.80 -5.77
C TYR C 15 -27.27 -9.98 -4.32
N LEU C 16 -27.49 -8.86 -3.66
CA LEU C 16 -28.02 -8.79 -2.30
C LEU C 16 -28.86 -7.53 -2.17
N SER C 17 -29.77 -7.52 -1.20
CA SER C 17 -30.39 -6.28 -0.77
C SER C 17 -29.49 -5.71 0.31
N VAL C 18 -29.63 -4.42 0.59
CA VAL C 18 -29.01 -3.79 1.74
C VAL C 18 -29.31 -4.55 3.05
N GLU C 19 -30.59 -4.90 3.27
CA GLU C 19 -31.00 -5.70 4.42
C GLU C 19 -30.14 -6.97 4.54
N GLN C 20 -29.94 -7.67 3.43
CA GLN C 20 -29.19 -8.94 3.47
C GLN C 20 -27.68 -8.72 3.65
N ALA C 21 -27.12 -7.73 2.97
CA ALA C 21 -25.69 -7.41 3.21
C ALA C 21 -25.48 -7.07 4.67
N ASN C 22 -26.40 -6.29 5.25
CA ASN C 22 -26.27 -5.95 6.66
C ASN C 22 -26.33 -7.22 7.54
N LEU C 23 -27.27 -8.13 7.24
CA LEU C 23 -27.38 -9.37 8.02
C LEU C 23 -26.10 -10.17 7.89
N ILE C 24 -25.56 -10.26 6.66
CA ILE C 24 -24.32 -11.01 6.46
C ILE C 24 -23.20 -10.45 7.32
N LEU C 25 -23.00 -9.13 7.28
CA LEU C 25 -21.90 -8.49 8.03
C LEU C 25 -22.05 -8.74 9.52
N ASN C 26 -23.29 -8.79 9.97
CA ASN C 26 -23.60 -9.07 11.37
C ASN C 26 -23.48 -10.56 11.78
N HIS C 27 -23.46 -11.47 10.80
CA HIS C 27 -23.34 -12.91 11.10
C HIS C 27 -21.98 -13.49 10.85
N LEU C 28 -21.04 -12.69 10.35
CA LEU C 28 -19.64 -13.16 10.27
C LEU C 28 -19.01 -13.22 11.67
N PRO C 29 -18.02 -14.10 11.87
CA PRO C 29 -17.38 -14.37 13.16
C PRO C 29 -16.28 -13.32 13.49
N LEU C 30 -16.62 -12.03 13.32
CA LEU C 30 -15.64 -10.94 13.41
C LEU C 30 -16.25 -9.72 14.02
N GLU C 31 -15.43 -8.99 14.78
CA GLU C 31 -15.77 -7.61 15.17
C GLU C 31 -15.16 -6.76 14.06
N ILE C 32 -16.01 -6.14 13.26
CA ILE C 32 -15.59 -5.34 12.11
C ILE C 32 -15.75 -3.86 12.43
N THR C 33 -14.71 -3.08 12.16
CA THR C 33 -14.72 -1.62 12.29
C THR C 33 -14.25 -1.01 10.96
N PHE C 34 -14.91 0.05 10.52
CA PHE C 34 -14.48 0.74 9.31
C PHE C 34 -14.26 2.24 9.59
N VAL C 35 -13.09 2.73 9.20
CA VAL C 35 -12.70 4.15 9.34
C VAL C 35 -12.49 4.60 7.88
N ASN C 36 -13.12 5.69 7.48
CA ASN C 36 -13.15 6.02 6.07
C ASN C 36 -11.89 6.79 5.66
N LYS C 37 -11.85 7.28 4.43
CA LYS C 37 -10.64 7.93 3.91
C LYS C 37 -10.36 9.29 4.54
N ASP C 38 -11.38 9.83 5.21
CA ASP C 38 -11.27 11.08 5.95
C ASP C 38 -10.88 10.83 7.40
N ASP C 39 -10.46 9.59 7.69
CA ASP C 39 -10.16 9.10 9.04
C ASP C 39 -11.32 9.14 10.03
N ILE C 40 -12.54 9.13 9.52
CA ILE C 40 -13.73 9.17 10.35
C ILE C 40 -14.18 7.75 10.70
N PHE C 41 -14.33 7.47 11.99
CA PHE C 41 -14.89 6.19 12.41
C PHE C 41 -16.37 6.12 12.01
N GLN C 42 -16.68 5.26 11.05
CA GLN C 42 -17.95 5.29 10.34
C GLN C 42 -18.94 4.21 10.69
N TYR C 43 -18.41 3.05 11.05
CA TYR C 43 -19.18 1.81 11.08
C TYR C 43 -18.52 0.74 11.94
N TYR C 44 -19.34 0.01 12.69
CA TYR C 44 -18.94 -1.30 13.22
C TYR C 44 -20.13 -2.26 13.19
N ASN C 45 -19.87 -3.56 13.03
CA ASN C 45 -20.97 -4.48 12.85
C ASN C 45 -21.59 -4.84 14.21
N ASP C 46 -22.66 -5.60 14.17
CA ASP C 46 -23.37 -6.03 15.38
C ASP C 46 -23.31 -7.54 15.40
N SER C 47 -22.14 -8.11 15.65
CA SER C 47 -22.04 -9.58 15.67
C SER C 47 -21.83 -10.15 17.07
N VAL C 48 -21.01 -9.49 17.89
CA VAL C 48 -20.79 -10.01 19.23
C VAL C 48 -21.39 -9.08 20.29
N PRO C 49 -21.95 -9.67 21.37
CA PRO C 49 -22.49 -8.86 22.47
C PRO C 49 -21.41 -7.95 23.03
N ALA C 50 -21.78 -6.72 23.38
CA ALA C 50 -20.83 -5.70 23.87
C ALA C 50 -19.95 -6.16 25.03
N ALA C 51 -20.49 -7.04 25.87
CA ALA C 51 -19.77 -7.64 27.00
C ALA C 51 -18.72 -8.66 26.55
N GLU C 52 -18.89 -9.17 25.33
CA GLU C 52 -17.99 -10.16 24.79
C GLU C 52 -17.01 -9.55 23.79
N MET C 53 -17.08 -8.23 23.56
CA MET C 53 -16.21 -7.53 22.58
C MET C 53 -14.77 -7.43 23.09
N VAL C 54 -13.82 -7.78 22.22
CA VAL C 54 -12.40 -7.63 22.53
C VAL C 54 -12.03 -6.14 22.64
N PHE C 55 -12.48 -5.38 21.66
CA PHE C 55 -12.25 -3.95 21.62
C PHE C 55 -13.62 -3.28 21.56
N LYS C 56 -14.01 -2.71 22.69
CA LYS C 56 -15.32 -2.10 22.79
C LYS C 56 -15.49 -0.92 21.84
N ARG C 57 -16.70 -0.83 21.31
CA ARG C 57 -17.12 0.23 20.42
C ARG C 57 -18.45 0.73 20.96
N THR C 58 -18.71 2.03 20.86
CA THR C 58 -20.01 2.57 21.24
C THR C 58 -20.58 3.44 20.11
N PRO C 59 -21.92 3.49 19.98
CA PRO C 59 -22.55 4.30 18.93
C PRO C 59 -22.10 5.76 18.97
N SER C 60 -21.80 6.26 20.18
CA SER C 60 -21.31 7.61 20.40
C SER C 60 -20.05 7.91 19.59
N GLN C 61 -19.21 6.89 19.37
CA GLN C 61 -17.94 7.06 18.67
C GLN C 61 -18.12 7.28 17.16
N VAL C 62 -19.22 6.81 16.60
CA VAL C 62 -19.49 6.91 15.16
C VAL C 62 -19.55 8.39 14.75
N GLY C 63 -18.78 8.76 13.73
CA GLY C 63 -18.72 10.14 13.26
C GLY C 63 -17.48 10.88 13.73
N ARG C 64 -16.81 10.32 14.73
CA ARG C 64 -15.58 10.91 15.26
C ARG C 64 -14.33 10.49 14.50
N ASN C 65 -13.38 11.42 14.42
CA ASN C 65 -12.06 11.13 13.89
C ASN C 65 -11.48 9.99 14.70
N VAL C 66 -10.81 9.06 14.03
CA VAL C 66 -10.26 7.87 14.68
C VAL C 66 -9.30 8.20 15.83
N GLU C 67 -8.67 9.38 15.76
CA GLU C 67 -7.72 9.84 16.77
C GLU C 67 -8.39 10.08 18.12
N LEU C 68 -9.63 10.52 18.08
CA LEU C 68 -10.40 10.79 19.30
C LEU C 68 -11.13 9.53 19.80
N CYS C 69 -10.93 8.41 19.12
CA CYS C 69 -11.56 7.15 19.54
C CYS C 69 -10.62 6.31 20.38
N HIS C 70 -9.39 6.80 20.55
CA HIS C 70 -8.40 6.10 21.36
C HIS C 70 -7.77 7.07 22.36
N PRO C 71 -7.29 6.54 23.50
CA PRO C 71 -6.58 7.36 24.51
C PRO C 71 -5.33 8.01 23.91
N PRO C 72 -4.99 9.24 24.35
CA PRO C 72 -3.91 10.04 23.76
C PRO C 72 -2.52 9.40 23.77
N LYS C 73 -2.27 8.54 24.76
CA LYS C 73 -0.96 7.91 24.93
C LYS C 73 -0.70 6.79 23.91
N VAL C 74 -1.72 6.50 23.11
CA VAL C 74 -1.70 5.43 22.13
C VAL C 74 -1.76 6.03 20.72
N LEU C 75 -2.00 7.35 20.67
CA LEU C 75 -2.10 8.11 19.41
C LEU C 75 -0.99 7.84 18.38
N ASP C 76 0.25 7.73 18.87
CA ASP C 76 1.40 7.49 17.99
C ASP C 76 1.34 6.12 17.33
N LYS C 77 0.83 5.15 18.08
CA LYS C 77 0.67 3.81 17.53
C LYS C 77 -0.47 3.78 16.51
N VAL C 78 -1.56 4.48 16.79
CA VAL C 78 -2.68 4.61 15.82
C VAL C 78 -2.18 5.24 14.51
N LYS C 79 -1.44 6.34 14.63
CA LYS C 79 -1.00 7.06 13.45
C LYS C 79 -0.07 6.20 12.61
N LYS C 80 0.82 5.46 13.27
CA LYS C 80 1.76 4.59 12.59
C LYS C 80 1.05 3.55 11.72
N VAL C 81 0.05 2.87 12.28
CA VAL C 81 -0.68 1.86 11.52
C VAL C 81 -1.45 2.51 10.38
N PHE C 82 -2.19 3.58 10.67
CA PHE C 82 -3.01 4.22 9.63
C PHE C 82 -2.19 4.79 8.46
N GLU C 83 -1.03 5.35 8.79
CA GLU C 83 -0.13 5.89 7.78
C GLU C 83 0.50 4.81 6.91
N LEU C 84 0.95 3.71 7.48
CA LEU C 84 1.49 2.59 6.71
C LEU C 84 0.47 2.09 5.70
N LEU C 85 -0.76 1.96 6.17
CA LEU C 85 -1.81 1.47 5.28
C LEU C 85 -2.15 2.48 4.19
N ARG C 86 -2.30 3.75 4.57
CA ARG C 86 -2.68 4.79 3.60
C ARG C 86 -1.58 4.93 2.53
N ASN C 87 -0.32 4.93 3.00
CA ASN C 87 0.81 5.09 2.08
C ASN C 87 1.15 3.86 1.26
N GLY C 88 0.44 2.75 1.51
CA GLY C 88 0.61 1.58 0.66
C GLY C 88 1.88 0.81 0.95
N GLN C 89 2.41 0.97 2.15
CA GLN C 89 3.59 0.22 2.53
C GLN C 89 3.25 -1.26 2.74
N ARG C 90 2.05 -1.52 3.27
CA ARG C 90 1.54 -2.89 3.40
C ARG C 90 0.04 -2.81 3.18
N ASP C 91 -0.53 -3.94 2.78
CA ASP C 91 -1.98 -4.02 2.64
C ASP C 91 -2.64 -4.38 3.96
N LYS C 92 -1.90 -5.03 4.86
CA LYS C 92 -2.44 -5.40 6.20
C LYS C 92 -1.38 -5.38 7.28
N VAL C 93 -1.82 -5.13 8.50
CA VAL C 93 -0.97 -5.20 9.71
C VAL C 93 -1.74 -6.14 10.65
N ASN C 94 -1.05 -7.16 11.18
CA ASN C 94 -1.71 -8.09 12.11
C ASN C 94 -1.09 -8.04 13.49
N MET C 95 -1.91 -8.30 14.51
CA MET C 95 -1.40 -8.50 15.87
C MET C 95 -2.21 -9.62 16.49
N TRP C 96 -1.67 -10.29 17.51
CA TRP C 96 -2.43 -11.33 18.18
C TRP C 96 -2.03 -11.38 19.64
N PHE C 97 -2.97 -11.86 20.45
CA PHE C 97 -2.74 -12.02 21.89
C PHE C 97 -3.82 -12.89 22.49
N GLN C 98 -3.56 -13.43 23.68
CA GLN C 98 -4.54 -14.20 24.38
C GLN C 98 -5.38 -13.30 25.28
N SER C 99 -6.69 -13.40 25.17
CA SER C 99 -7.57 -12.71 26.12
C SER C 99 -8.03 -13.75 27.12
N GLU C 100 -7.37 -13.77 28.27
CA GLU C 100 -7.80 -14.64 29.33
C GLU C 100 -9.18 -14.22 29.83
N ARG C 101 -9.43 -12.91 29.90
CA ARG C 101 -10.73 -12.46 30.38
C ARG C 101 -11.90 -13.01 29.57
N LEU C 102 -11.75 -13.00 28.25
CA LEU C 102 -12.84 -13.45 27.37
C LEU C 102 -12.72 -14.90 26.90
N GLY C 103 -11.60 -15.54 27.20
CA GLY C 103 -11.40 -16.93 26.82
C GLY C 103 -11.25 -17.05 25.30
N LYS C 104 -10.62 -16.04 24.72
CA LYS C 104 -10.41 -15.96 23.26
C LYS C 104 -8.92 -15.86 22.92
N PHE C 105 -8.51 -16.42 21.77
CA PHE C 105 -7.18 -16.14 21.26
C PHE C 105 -7.44 -15.16 20.14
N VAL C 106 -7.03 -13.92 20.36
CA VAL C 106 -7.43 -12.79 19.52
C VAL C 106 -6.45 -12.59 18.37
N TYR C 107 -6.98 -12.55 17.13
CA TYR C 107 -6.16 -12.23 15.96
C TYR C 107 -6.76 -10.98 15.32
N VAL C 108 -5.97 -9.92 15.22
CA VAL C 108 -6.44 -8.59 14.78
C VAL C 108 -5.79 -8.28 13.43
N THR C 109 -6.60 -7.74 12.51
CA THR C 109 -6.05 -7.29 11.21
C THR C 109 -6.56 -5.87 10.98
N TYR C 110 -5.66 -4.99 10.55
CA TYR C 110 -6.02 -3.67 10.03
C TYR C 110 -5.63 -3.70 8.56
N ALA C 111 -6.59 -3.51 7.65
CA ALA C 111 -6.35 -3.68 6.22
C ALA C 111 -6.68 -2.40 5.48
N ALA C 112 -5.88 -2.09 4.48
CA ALA C 112 -6.17 -0.97 3.58
C ALA C 112 -7.33 -1.40 2.69
N VAL C 113 -8.37 -0.57 2.58
CA VAL C 113 -9.44 -0.83 1.63
C VAL C 113 -9.09 -0.01 0.39
N ARG C 114 -8.90 -0.69 -0.74
CA ARG C 114 -8.61 0.03 -2.00
C ARG C 114 -9.52 -0.41 -3.12
N ASP C 115 -9.80 0.51 -4.05
CA ASP C 115 -10.61 0.18 -5.20
C ASP C 115 -9.76 -0.40 -6.34
N GLN C 116 -10.38 -0.64 -7.48
CA GLN C 116 -9.63 -1.28 -8.55
C GLN C 116 -8.45 -0.40 -8.99
N ALA C 117 -8.64 0.91 -8.90
CA ALA C 117 -7.63 1.87 -9.36
C ALA C 117 -6.42 1.88 -8.41
N GLY C 118 -6.59 1.28 -7.23
CA GLY C 118 -5.52 1.32 -6.22
C GLY C 118 -5.66 2.48 -5.26
N ASP C 119 -6.77 3.22 -5.37
CA ASP C 119 -7.00 4.40 -4.53
C ASP C 119 -7.51 4.03 -3.13
N PHE C 120 -7.13 4.85 -2.16
CA PHE C 120 -7.38 4.55 -0.76
C PHE C 120 -8.80 4.89 -0.35
N GLN C 121 -9.49 3.90 0.23
CA GLN C 121 -10.89 4.06 0.63
C GLN C 121 -11.09 3.99 2.14
N GLY C 122 -10.03 3.77 2.90
CA GLY C 122 -10.19 3.65 4.36
C GLY C 122 -9.50 2.42 4.94
N VAL C 123 -9.69 2.24 6.25
CA VAL C 123 -9.08 1.11 6.95
C VAL C 123 -10.18 0.20 7.49
N LEU C 124 -10.08 -1.07 7.14
CA LEU C 124 -10.99 -2.11 7.61
C LEU C 124 -10.27 -2.91 8.69
N GLU C 125 -10.83 -2.89 9.89
CA GLU C 125 -10.28 -3.70 10.99
C GLU C 125 -11.21 -4.87 11.24
N TYR C 126 -10.64 -6.06 11.40
CA TYR C 126 -11.47 -7.18 11.80
C TYR C 126 -10.74 -8.01 12.84
N VAL C 127 -11.46 -8.33 13.91
CA VAL C 127 -10.91 -9.08 15.04
C VAL C 127 -11.58 -10.44 15.09
N GLN C 128 -10.79 -11.50 15.16
CA GLN C 128 -11.35 -12.86 15.16
C GLN C 128 -10.84 -13.61 16.38
N ASP C 129 -11.63 -14.53 16.89
CA ASP C 129 -11.17 -15.49 17.90
C ASP C 129 -10.73 -16.72 17.14
N ILE C 130 -9.44 -17.03 17.23
CA ILE C 130 -8.87 -18.17 16.50
C ILE C 130 -8.67 -19.40 17.43
N LYS C 131 -9.09 -19.28 18.68
CA LYS C 131 -8.92 -20.38 19.63
C LYS C 131 -9.53 -21.71 19.13
N PRO C 132 -10.76 -21.69 18.57
CA PRO C 132 -11.36 -22.92 18.04
C PRO C 132 -10.46 -23.69 17.08
N PHE C 133 -9.58 -22.98 16.35
CA PHE C 133 -8.72 -23.60 15.33
C PHE C 133 -7.60 -24.41 15.95
N PHE C 134 -7.37 -24.17 17.23
CA PHE C 134 -6.34 -24.90 18.00
C PHE C 134 -6.94 -26.08 18.75
N GLU C 135 -8.26 -26.19 18.71
CA GLU C 135 -8.89 -27.25 19.48
C GLU C 135 -9.76 -28.19 18.62
N LEU C 136 -9.37 -28.35 17.36
CA LEU C 136 -10.11 -29.22 16.41
C LEU C 136 -10.08 -30.69 16.85
N ASP C 137 -8.91 -31.17 17.26
CA ASP C 137 -8.77 -32.58 17.66
C ASP C 137 -8.82 -32.72 19.19
N SER C 138 -9.54 -31.84 19.87
CA SER C 138 -9.40 -31.75 21.32
C SER C 138 -9.98 -33.00 22.02
N GLU C 139 -9.32 -33.45 23.07
CA GLU C 139 -9.73 -34.65 23.79
C GLU C 139 -10.98 -34.38 24.62
N PHE C 140 -11.92 -35.33 24.58
CA PHE C 140 -13.19 -35.29 25.33
C PHE C 140 -14.18 -34.25 24.78
N ASP D 4 -28.66 4.70 -5.16
CA ASP D 4 -27.36 5.42 -5.34
C ASP D 4 -26.29 4.73 -4.49
N ARG D 5 -25.29 4.15 -5.16
CA ARG D 5 -24.31 3.27 -4.49
C ARG D 5 -23.34 3.98 -3.57
N THR D 6 -23.26 5.30 -3.68
CA THR D 6 -22.33 6.09 -2.84
C THR D 6 -22.99 6.81 -1.67
N THR D 7 -24.31 6.73 -1.58
CA THR D 7 -25.03 7.34 -0.48
C THR D 7 -24.93 6.51 0.81
N GLN D 8 -24.64 7.19 1.91
CA GLN D 8 -24.52 6.53 3.21
C GLN D 8 -25.87 6.01 3.70
N GLN D 9 -25.92 4.75 4.14
CA GLN D 9 -27.15 4.13 4.64
C GLN D 9 -26.83 3.51 5.99
N PRO D 10 -27.83 3.41 6.90
CA PRO D 10 -27.57 2.65 8.14
C PRO D 10 -27.19 1.20 7.88
N PHE D 11 -26.09 0.79 8.51
CA PHE D 11 -25.54 -0.56 8.46
C PHE D 11 -24.99 -0.79 9.86
N GLY D 12 -25.37 -1.91 10.48
CA GLY D 12 -24.82 -2.26 11.81
C GLY D 12 -25.02 -1.14 12.79
N ASN D 13 -23.93 -0.74 13.43
CA ASN D 13 -23.95 0.35 14.41
C ASN D 13 -23.45 1.68 13.90
N GLY D 14 -23.50 1.89 12.59
CA GLY D 14 -23.19 3.18 11.96
C GLY D 14 -23.74 3.29 10.55
N TYR D 15 -22.86 3.64 9.60
CA TYR D 15 -23.28 3.86 8.22
C TYR D 15 -22.26 3.31 7.24
N LEU D 16 -22.76 2.78 6.13
CA LEU D 16 -21.92 2.47 4.95
C LEU D 16 -22.72 2.80 3.68
N SER D 17 -22.02 3.12 2.61
CA SER D 17 -22.63 3.08 1.30
C SER D 17 -22.62 1.65 0.76
N VAL D 18 -23.43 1.37 -0.26
CA VAL D 18 -23.40 0.09 -0.93
C VAL D 18 -21.97 -0.15 -1.47
N GLU D 19 -21.38 0.90 -2.03
CA GLU D 19 -19.98 0.80 -2.52
C GLU D 19 -19.02 0.32 -1.41
N GLN D 20 -19.09 0.97 -0.26
CA GLN D 20 -18.22 0.57 0.85
C GLN D 20 -18.54 -0.83 1.39
N ALA D 21 -19.83 -1.15 1.54
CA ALA D 21 -20.21 -2.50 2.00
C ALA D 21 -19.69 -3.58 1.07
N ASN D 22 -19.81 -3.33 -0.22
CA ASN D 22 -19.27 -4.23 -1.23
C ASN D 22 -17.73 -4.38 -1.12
N LEU D 23 -16.99 -3.25 -1.00
CA LEU D 23 -15.53 -3.27 -0.81
C LEU D 23 -15.15 -4.11 0.40
N ILE D 24 -15.88 -3.88 1.50
CA ILE D 24 -15.58 -4.61 2.72
C ILE D 24 -15.75 -6.11 2.53
N LEU D 25 -16.88 -6.51 1.98
CA LEU D 25 -17.15 -7.92 1.78
C LEU D 25 -16.09 -8.55 0.87
N ASN D 26 -15.62 -7.80 -0.12
CA ASN D 26 -14.56 -8.30 -1.00
C ASN D 26 -13.14 -8.24 -0.43
N HIS D 27 -12.96 -7.58 0.70
CA HIS D 27 -11.61 -7.49 1.28
C HIS D 27 -11.44 -8.46 2.44
N LEU D 28 -12.53 -9.08 2.87
CA LEU D 28 -12.40 -10.09 3.95
C LEU D 28 -11.75 -11.38 3.45
N PRO D 29 -10.87 -12.00 4.25
CA PRO D 29 -10.10 -13.16 3.81
C PRO D 29 -10.94 -14.45 3.94
N LEU D 30 -12.11 -14.43 3.31
CA LEU D 30 -13.06 -15.53 3.38
C LEU D 30 -13.72 -15.68 2.03
N GLU D 31 -14.00 -16.92 1.63
CA GLU D 31 -14.91 -17.15 0.52
C GLU D 31 -16.31 -17.14 1.13
N ILE D 32 -17.17 -16.22 0.68
CA ILE D 32 -18.48 -16.00 1.29
C ILE D 32 -19.51 -16.31 0.26
N THR D 33 -20.54 -17.08 0.64
CA THR D 33 -21.65 -17.41 -0.24
C THR D 33 -22.93 -17.19 0.54
N PHE D 34 -23.97 -16.65 -0.11
CA PHE D 34 -25.25 -16.48 0.60
C PHE D 34 -26.42 -17.11 -0.18
N VAL D 35 -27.26 -17.84 0.56
CA VAL D 35 -28.44 -18.55 0.02
C VAL D 35 -29.65 -18.03 0.80
N ASN D 36 -30.70 -17.62 0.09
CA ASN D 36 -31.80 -16.96 0.79
C ASN D 36 -32.79 -17.98 1.39
N LYS D 37 -33.83 -17.49 2.04
CA LYS D 37 -34.78 -18.40 2.70
C LYS D 37 -35.63 -19.23 1.74
N ASP D 38 -35.57 -18.89 0.46
CA ASP D 38 -36.23 -19.67 -0.59
C ASP D 38 -35.25 -20.61 -1.31
N ASP D 39 -34.12 -20.86 -0.65
CA ASP D 39 -33.04 -21.75 -1.11
C ASP D 39 -32.39 -21.36 -2.45
N ILE D 40 -32.44 -20.06 -2.76
CA ILE D 40 -31.78 -19.53 -3.96
C ILE D 40 -30.36 -19.01 -3.65
N PHE D 41 -29.41 -19.44 -4.46
CA PHE D 41 -28.00 -19.01 -4.36
C PHE D 41 -27.93 -17.61 -4.96
N GLN D 42 -27.82 -16.58 -4.12
CA GLN D 42 -27.85 -15.20 -4.59
C GLN D 42 -26.47 -14.62 -4.88
N TYR D 43 -25.46 -15.04 -4.12
CA TYR D 43 -24.27 -14.14 -3.97
C TYR D 43 -23.03 -14.90 -3.57
N TYR D 44 -21.87 -14.50 -4.11
CA TYR D 44 -20.60 -14.83 -3.47
C TYR D 44 -19.69 -13.61 -3.61
N ASN D 45 -18.75 -13.44 -2.68
CA ASN D 45 -17.86 -12.28 -2.74
C ASN D 45 -16.71 -12.53 -3.70
N ASP D 46 -15.80 -11.56 -3.78
CA ASP D 46 -14.72 -11.61 -4.78
C ASP D 46 -13.34 -11.49 -4.13
N SER D 47 -13.13 -12.14 -2.98
CA SER D 47 -11.89 -11.90 -2.25
C SER D 47 -10.75 -12.82 -2.69
N VAL D 48 -11.07 -14.05 -3.09
CA VAL D 48 -10.01 -14.96 -3.55
C VAL D 48 -10.15 -15.27 -5.05
N PRO D 49 -9.02 -15.30 -5.79
CA PRO D 49 -9.04 -15.61 -7.23
C PRO D 49 -9.68 -16.96 -7.53
N ALA D 50 -10.37 -17.06 -8.68
CA ALA D 50 -11.16 -18.23 -9.03
C ALA D 50 -10.39 -19.56 -8.97
N ALA D 51 -9.10 -19.51 -9.32
CA ALA D 51 -8.23 -20.69 -9.39
C ALA D 51 -7.88 -21.20 -7.99
N GLU D 52 -7.88 -20.26 -7.04
CA GLU D 52 -7.50 -20.51 -5.66
C GLU D 52 -8.70 -20.82 -4.76
N MET D 53 -9.91 -20.75 -5.30
CA MET D 53 -11.12 -21.05 -4.54
C MET D 53 -11.17 -22.53 -4.14
N VAL D 54 -11.50 -22.76 -2.87
CA VAL D 54 -11.69 -24.10 -2.33
C VAL D 54 -12.96 -24.73 -2.87
N PHE D 55 -14.05 -23.97 -2.84
CA PHE D 55 -15.27 -24.37 -3.54
C PHE D 55 -15.46 -23.44 -4.72
N LYS D 56 -15.39 -24.00 -5.91
CA LYS D 56 -15.58 -23.23 -7.13
C LYS D 56 -17.04 -22.81 -7.19
N ARG D 57 -17.26 -21.51 -7.31
CA ARG D 57 -18.60 -20.98 -7.55
C ARG D 57 -18.64 -20.51 -8.99
N THR D 58 -19.74 -20.77 -9.68
CA THR D 58 -19.81 -20.38 -11.08
C THR D 58 -20.93 -19.36 -11.29
N PRO D 59 -20.63 -18.29 -12.02
CA PRO D 59 -21.64 -17.27 -12.29
C PRO D 59 -23.00 -17.84 -12.75
N SER D 60 -22.98 -18.92 -13.53
CA SER D 60 -24.21 -19.65 -13.97
C SER D 60 -25.12 -20.03 -12.82
N GLN D 61 -24.53 -20.29 -11.66
CA GLN D 61 -25.28 -20.79 -10.52
C GLN D 61 -26.08 -19.66 -9.85
N VAL D 62 -25.67 -18.40 -10.08
CA VAL D 62 -26.30 -17.28 -9.38
C VAL D 62 -27.76 -17.11 -9.77
N GLY D 63 -28.64 -17.06 -8.77
CA GLY D 63 -30.08 -16.98 -9.00
C GLY D 63 -30.78 -18.32 -9.15
N ARG D 64 -30.03 -19.40 -9.06
CA ARG D 64 -30.59 -20.75 -9.12
C ARG D 64 -30.77 -21.33 -7.75
N ASN D 65 -31.72 -22.26 -7.66
CA ASN D 65 -31.95 -23.01 -6.43
C ASN D 65 -30.73 -23.87 -6.12
N VAL D 66 -30.38 -23.97 -4.84
CA VAL D 66 -29.23 -24.79 -4.43
C VAL D 66 -29.36 -26.24 -4.89
N GLU D 67 -30.61 -26.71 -5.01
CA GLU D 67 -30.90 -28.08 -5.48
C GLU D 67 -30.24 -28.42 -6.80
N LEU D 68 -30.09 -27.39 -7.63
CA LEU D 68 -29.63 -27.55 -8.99
C LEU D 68 -28.14 -27.31 -9.11
N CYS D 69 -27.50 -26.99 -7.97
CA CYS D 69 -26.09 -26.57 -7.92
C CYS D 69 -25.12 -27.63 -7.40
N HIS D 70 -25.65 -28.78 -6.97
CA HIS D 70 -24.81 -29.81 -6.36
C HIS D 70 -25.26 -31.20 -6.79
N PRO D 71 -24.29 -32.14 -6.88
CA PRO D 71 -24.58 -33.56 -7.05
C PRO D 71 -25.26 -34.16 -5.79
N PRO D 72 -25.99 -35.28 -5.96
CA PRO D 72 -26.78 -35.96 -4.93
C PRO D 72 -26.14 -36.10 -3.55
N LYS D 73 -25.00 -36.78 -3.44
CA LYS D 73 -24.36 -36.99 -2.13
C LYS D 73 -23.84 -35.70 -1.47
N VAL D 74 -23.59 -34.67 -2.28
CA VAL D 74 -23.28 -33.34 -1.75
C VAL D 74 -24.56 -32.67 -1.27
N LEU D 75 -25.60 -32.76 -2.11
CA LEU D 75 -26.90 -32.16 -1.81
C LEU D 75 -27.54 -32.79 -0.58
N ASP D 76 -27.37 -34.11 -0.42
N ASP D 76 -27.37 -34.11 -0.46
CA ASP D 76 -27.88 -34.81 0.74
CA ASP D 76 -27.79 -34.88 0.70
C ASP D 76 -27.28 -34.28 2.06
C ASP D 76 -27.30 -34.22 1.98
N LYS D 77 -25.99 -33.96 2.04
CA LYS D 77 -25.34 -33.34 3.19
C LYS D 77 -25.88 -31.92 3.42
N VAL D 78 -25.96 -31.14 2.34
CA VAL D 78 -26.45 -29.74 2.40
C VAL D 78 -27.87 -29.67 2.97
N LYS D 79 -28.75 -30.55 2.47
CA LYS D 79 -30.09 -30.70 3.02
C LYS D 79 -30.10 -30.82 4.54
N LYS D 80 -29.29 -31.73 5.07
CA LYS D 80 -29.29 -31.99 6.50
C LYS D 80 -28.86 -30.78 7.32
N VAL D 81 -27.76 -30.16 6.89
CA VAL D 81 -27.27 -28.91 7.49
C VAL D 81 -28.32 -27.80 7.45
N PHE D 82 -28.85 -27.53 6.26
CA PHE D 82 -29.81 -26.46 6.07
C PHE D 82 -31.04 -26.63 6.97
N GLU D 83 -31.49 -27.88 7.10
CA GLU D 83 -32.65 -28.19 7.95
C GLU D 83 -32.39 -27.83 9.42
N LEU D 84 -31.21 -28.20 9.93
CA LEU D 84 -30.84 -27.87 11.30
C LEU D 84 -30.80 -26.36 11.53
N LEU D 85 -30.27 -25.63 10.56
CA LEU D 85 -30.20 -24.17 10.63
C LEU D 85 -31.60 -23.57 10.57
N ARG D 86 -32.39 -24.03 9.60
CA ARG D 86 -33.76 -23.54 9.42
C ARG D 86 -34.65 -23.77 10.65
N ASN D 87 -34.51 -24.94 11.30
CA ASN D 87 -35.37 -25.33 12.46
C ASN D 87 -34.98 -24.67 13.78
N GLY D 88 -33.80 -24.07 13.83
CA GLY D 88 -33.30 -23.47 15.06
C GLY D 88 -32.55 -24.45 15.94
N GLN D 89 -32.29 -25.65 15.44
CA GLN D 89 -31.56 -26.64 16.26
C GLN D 89 -30.06 -26.33 16.35
N ARG D 90 -29.52 -25.72 15.28
N ARG D 90 -29.53 -25.70 15.29
CA ARG D 90 -28.13 -25.30 15.24
CA ARG D 90 -28.13 -25.30 15.26
C ARG D 90 -28.06 -23.83 14.81
C ARG D 90 -28.02 -23.86 14.76
N ASP D 91 -27.03 -23.13 15.26
CA ASP D 91 -26.77 -21.76 14.78
C ASP D 91 -25.70 -21.81 13.70
N LYS D 92 -24.78 -22.77 13.83
CA LYS D 92 -23.65 -22.93 12.90
C LYS D 92 -23.33 -24.39 12.81
N VAL D 93 -22.88 -24.83 11.64
CA VAL D 93 -22.29 -26.15 11.44
C VAL D 93 -20.91 -25.94 10.83
N ASN D 94 -19.90 -26.61 11.40
CA ASN D 94 -18.51 -26.47 10.93
C ASN D 94 -17.92 -27.76 10.40
N MET D 95 -17.05 -27.64 9.40
CA MET D 95 -16.26 -28.77 8.88
C MET D 95 -14.88 -28.26 8.52
N TRP D 96 -13.89 -29.17 8.49
CA TRP D 96 -12.53 -28.77 8.16
C TRP D 96 -11.82 -29.92 7.48
N PHE D 97 -10.88 -29.56 6.62
CA PHE D 97 -10.12 -30.53 5.87
C PHE D 97 -8.86 -29.92 5.27
N GLN D 98 -7.91 -30.79 4.95
CA GLN D 98 -6.68 -30.41 4.30
C GLN D 98 -6.95 -30.21 2.82
N SER D 99 -6.39 -29.14 2.25
CA SER D 99 -6.39 -28.98 0.80
C SER D 99 -4.98 -28.88 0.26
N GLU D 100 -4.35 -30.04 0.07
CA GLU D 100 -2.95 -30.08 -0.35
C GLU D 100 -2.71 -29.39 -1.70
N ARG D 101 -3.63 -29.59 -2.63
CA ARG D 101 -3.56 -28.97 -3.97
C ARG D 101 -3.46 -27.44 -3.90
N LEU D 102 -4.16 -26.86 -2.94
CA LEU D 102 -4.24 -25.41 -2.77
C LEU D 102 -3.27 -24.91 -1.72
N GLY D 103 -2.68 -25.84 -0.97
CA GLY D 103 -1.77 -25.49 0.13
C GLY D 103 -2.50 -24.75 1.24
N LYS D 104 -3.76 -25.12 1.45
CA LYS D 104 -4.65 -24.53 2.47
C LYS D 104 -5.12 -25.58 3.45
N PHE D 105 -5.42 -25.16 4.67
CA PHE D 105 -6.16 -26.01 5.56
C PHE D 105 -7.49 -25.33 5.78
N VAL D 106 -8.55 -25.99 5.33
CA VAL D 106 -9.84 -25.34 5.13
C VAL D 106 -10.75 -25.48 6.34
N TYR D 107 -11.33 -24.37 6.77
CA TYR D 107 -12.33 -24.39 7.81
C TYR D 107 -13.59 -23.77 7.21
N VAL D 108 -14.67 -24.54 7.22
CA VAL D 108 -15.95 -24.19 6.59
C VAL D 108 -17.01 -24.01 7.65
N THR D 109 -17.82 -22.97 7.50
CA THR D 109 -18.95 -22.73 8.42
C THR D 109 -20.22 -22.46 7.61
N TYR D 110 -21.32 -23.16 7.96
CA TYR D 110 -22.66 -22.79 7.51
C TYR D 110 -23.36 -22.20 8.68
N ALA D 111 -23.77 -20.94 8.55
CA ALA D 111 -24.35 -20.23 9.67
C ALA D 111 -25.77 -19.82 9.34
N ALA D 112 -26.67 -19.97 10.29
CA ALA D 112 -28.02 -19.46 10.08
C ALA D 112 -28.06 -17.92 10.17
N VAL D 113 -28.66 -17.29 9.17
CA VAL D 113 -28.87 -15.85 9.19
C VAL D 113 -30.29 -15.59 9.69
N ARG D 114 -30.40 -14.86 10.78
CA ARG D 114 -31.71 -14.59 11.37
C ARG D 114 -31.87 -13.11 11.67
N ASP D 115 -33.10 -12.60 11.55
CA ASP D 115 -33.36 -11.19 11.86
C ASP D 115 -33.52 -11.00 13.37
N GLN D 116 -33.76 -9.76 13.79
CA GLN D 116 -33.81 -9.44 15.23
C GLN D 116 -34.99 -10.13 15.92
N ALA D 117 -35.95 -10.57 15.11
CA ALA D 117 -37.11 -11.34 15.59
C ALA D 117 -36.78 -12.82 15.80
N GLY D 118 -35.66 -13.29 15.24
CA GLY D 118 -35.31 -14.71 15.31
C GLY D 118 -35.75 -15.49 14.10
N ASP D 119 -36.34 -14.81 13.11
CA ASP D 119 -36.81 -15.47 11.90
C ASP D 119 -35.68 -15.70 10.89
N PHE D 120 -35.69 -16.90 10.34
CA PHE D 120 -34.71 -17.39 9.36
C PHE D 120 -34.73 -16.60 8.06
N GLN D 121 -33.55 -16.12 7.65
CA GLN D 121 -33.42 -15.31 6.44
C GLN D 121 -32.53 -15.95 5.37
N GLY D 122 -31.85 -17.05 5.73
CA GLY D 122 -31.08 -17.85 4.78
C GLY D 122 -29.84 -18.44 5.43
N VAL D 123 -28.93 -18.94 4.59
CA VAL D 123 -27.71 -19.55 5.07
C VAL D 123 -26.51 -18.75 4.57
N LEU D 124 -25.60 -18.41 5.50
CA LEU D 124 -24.33 -17.80 5.16
C LEU D 124 -23.27 -18.89 5.25
N GLU D 125 -22.54 -19.09 4.15
CA GLU D 125 -21.43 -20.04 4.17
C GLU D 125 -20.15 -19.23 4.04
N TYR D 126 -19.17 -19.52 4.87
CA TYR D 126 -17.88 -18.84 4.71
C TYR D 126 -16.75 -19.82 4.93
N VAL D 127 -15.75 -19.73 4.07
CA VAL D 127 -14.63 -20.66 4.04
C VAL D 127 -13.37 -19.88 4.31
N GLN D 128 -12.55 -20.39 5.24
CA GLN D 128 -11.32 -19.73 5.62
C GLN D 128 -10.13 -20.67 5.54
N ASP D 129 -8.97 -20.16 5.13
CA ASP D 129 -7.73 -20.94 5.22
C ASP D 129 -7.16 -20.66 6.60
N ILE D 130 -7.10 -21.70 7.44
CA ILE D 130 -6.60 -21.52 8.80
C ILE D 130 -5.17 -22.03 8.99
N LYS D 131 -4.57 -22.57 7.92
CA LYS D 131 -3.18 -23.07 7.99
C LYS D 131 -2.20 -22.01 8.56
N PRO D 132 -2.31 -20.73 8.11
CA PRO D 132 -1.45 -19.68 8.67
C PRO D 132 -1.50 -19.54 10.18
N PHE D 133 -2.64 -19.83 10.80
CA PHE D 133 -2.78 -19.72 12.26
C PHE D 133 -2.00 -20.80 13.01
N PHE D 134 -1.70 -21.91 12.35
CA PHE D 134 -0.94 -23.00 12.98
C PHE D 134 0.48 -22.60 13.36
N GLU D 135 1.06 -21.63 12.65
CA GLU D 135 2.37 -21.08 13.00
C GLU D 135 2.38 -20.42 14.38
N LEU D 136 1.19 -20.05 14.88
CA LEU D 136 1.09 -19.33 16.16
C LEU D 136 0.92 -20.26 17.36
N ASP D 137 1.14 -21.55 17.15
CA ASP D 137 1.33 -22.56 18.21
C ASP D 137 0.31 -22.56 19.34
#